data_6H6A
#
_entry.id   6H6A
#
_cell.length_a   50.090
_cell.length_b   63.620
_cell.length_c   188.160
_cell.angle_alpha   90.00
_cell.angle_beta   90.00
_cell.angle_gamma   90.00
#
_symmetry.space_group_name_H-M   'P 21 21 21'
#
loop_
_entity.id
_entity.type
_entity.pdbx_description
1 polymer 'Protein unc-119 homolog A'
2 polymer GLY-CYS-GLY-CYS-SER-SER
3 polymer 'Protein unc-119 homolog A'
4 non-polymer GLYCEROL
5 non-polymer 'POLYETHYLENE GLYCOL (N=34)'
6 non-polymer 'MYRISTIC ACID'
7 non-polymer 'PHOSPHATE ION'
8 water water
#
loop_
_entity_poly.entity_id
_entity_poly.type
_entity_poly.pdbx_seq_one_letter_code
_entity_poly.pdbx_strand_id
1 'polypeptide(L)'
;PIGPEDVLGLQRITGDYLCSPEENIYKIDFVRFKIRDMDSGTVLFEIKKPPVSERLPINRRDKDPNAGRFVRYQFTPAFL
RLRQVGATVEFTVGDKPVNNFRMIERHYFRNQLLKSFDFHFGFCIPSSKNTCEHIYDFPPLSEELISEMIRHPYETQSDS
FYFVDDRLVMHNKADYSYSGTP
;
D
2 'polypeptide(L)' GCGCSSHPED E,H,K
3 'polypeptide(L)'
;PIGPEDVLGLQRITGDYLCSPEENIYKIDFVRFKIRDMDSGTVLFEIKKPPVSERLPINRRDLDPNAGRFVRYQFTPAFL
RLRQVGATVEFTVGDKPVNNFRMIERHYFRNQLLKSFDFHFGFCIPSSKNTCEHIYDFPPLSEELISEMIRHPYETQSDS
FYFVDDRLVMHNKADYSYSGTP
;
G,J
#
loop_
_chem_comp.id
_chem_comp.type
_chem_comp.name
_chem_comp.formula
15P non-polymer 'POLYETHYLENE GLYCOL (N=34)' 'C69 H140 O35'
GOL non-polymer GLYCEROL 'C3 H8 O3'
MYR non-polymer 'MYRISTIC ACID' 'C14 H28 O2'
PO4 non-polymer 'PHOSPHATE ION' 'O4 P -3'
#
# COMPACT_ATOMS: atom_id res chain seq x y z
N PRO A 1 24.75 18.05 -22.19
CA PRO A 1 24.65 18.13 -20.76
C PRO A 1 23.21 17.97 -20.26
N ILE A 2 22.88 16.81 -19.70
CA ILE A 2 21.65 16.66 -18.95
C ILE A 2 21.94 16.12 -17.57
N GLY A 3 21.53 16.88 -16.56
CA GLY A 3 21.69 16.45 -15.18
C GLY A 3 20.34 16.22 -14.50
N PRO A 4 20.38 15.70 -13.29
CA PRO A 4 19.17 15.34 -12.56
C PRO A 4 18.18 16.49 -12.44
N GLU A 5 18.70 17.70 -12.23
N GLU A 5 18.69 17.69 -12.22
CA GLU A 5 17.84 18.87 -12.05
CA GLU A 5 17.80 18.83 -12.01
C GLU A 5 17.04 19.16 -13.32
C GLU A 5 17.04 19.18 -13.31
N ASP A 6 17.53 18.67 -14.44
CA ASP A 6 16.82 18.81 -15.72
C ASP A 6 15.61 17.85 -15.90
N VAL A 7 15.52 16.81 -15.07
CA VAL A 7 14.36 15.91 -15.14
C VAL A 7 13.46 15.92 -13.91
N LEU A 8 13.98 16.43 -12.80
CA LEU A 8 13.29 16.31 -11.52
C LEU A 8 12.04 17.18 -11.44
N GLY A 9 11.87 18.09 -12.40
CA GLY A 9 10.70 18.96 -12.42
C GLY A 9 9.75 18.72 -13.61
N LEU A 10 10.02 17.70 -14.40
CA LEU A 10 9.23 17.46 -15.61
C LEU A 10 7.80 17.09 -15.26
N GLN A 11 6.86 17.66 -16.01
CA GLN A 11 5.45 17.48 -15.71
C GLN A 11 4.73 16.74 -16.86
N ARG A 12 5.50 16.26 -17.83
CA ARG A 12 4.97 15.36 -18.83
C ARG A 12 6.04 14.41 -19.30
N ILE A 13 5.59 13.31 -19.88
CA ILE A 13 6.47 12.38 -20.57
C ILE A 13 7.23 13.10 -21.71
N THR A 14 8.48 12.73 -21.92
CA THR A 14 9.27 13.37 -22.98
C THR A 14 8.81 12.89 -24.35
N GLY A 15 8.86 13.78 -25.33
CA GLY A 15 8.45 13.46 -26.70
C GLY A 15 9.51 12.66 -27.48
N ASP A 16 10.72 12.61 -26.93
CA ASP A 16 11.80 11.83 -27.52
C ASP A 16 12.76 11.39 -26.42
N TYR A 17 13.63 10.44 -26.75
CA TYR A 17 14.73 10.09 -25.87
C TYR A 17 15.70 11.26 -25.69
N LEU A 18 16.26 11.39 -24.51
CA LEU A 18 17.09 12.57 -24.20
C LEU A 18 18.56 12.26 -24.38
N CYS A 19 18.86 11.01 -24.70
CA CYS A 19 20.20 10.65 -25.08
C CYS A 19 20.16 9.52 -26.07
N SER A 20 21.26 9.30 -26.77
CA SER A 20 21.37 8.18 -27.69
C SER A 20 21.90 6.94 -26.95
N PRO A 21 21.73 5.75 -27.55
CA PRO A 21 22.30 4.53 -26.96
C PRO A 21 23.83 4.64 -26.75
N GLU A 22 24.49 5.44 -27.57
CA GLU A 22 25.95 5.51 -27.57
C GLU A 22 26.48 6.26 -26.35
N GLU A 23 25.59 6.93 -25.64
CA GLU A 23 26.02 7.69 -24.49
C GLU A 23 26.15 6.78 -23.27
N ASN A 24 25.71 5.54 -23.43
CA ASN A 24 25.96 4.49 -22.43
C ASN A 24 27.41 3.99 -22.47
N ILE A 25 28.35 4.88 -22.15
CA ILE A 25 29.79 4.58 -22.32
C ILE A 25 30.30 3.61 -21.24
N TYR A 26 29.48 3.39 -20.20
CA TYR A 26 29.83 2.47 -19.11
C TYR A 26 29.34 1.08 -19.42
N LYS A 27 28.62 0.95 -20.52
CA LYS A 27 28.18 -0.35 -21.02
C LYS A 27 27.36 -1.06 -19.98
N ILE A 28 26.42 -0.33 -19.41
CA ILE A 28 25.48 -0.89 -18.47
C ILE A 28 24.38 -1.64 -19.21
N ASP A 29 24.15 -2.87 -18.79
CA ASP A 29 23.24 -3.75 -19.49
C ASP A 29 22.36 -4.49 -18.50
N PHE A 30 21.06 -4.27 -18.56
CA PHE A 30 20.12 -4.97 -17.66
C PHE A 30 19.86 -6.37 -18.16
N VAL A 31 20.15 -7.36 -17.35
CA VAL A 31 20.06 -8.76 -17.80
C VAL A 31 19.02 -9.53 -17.03
N ARG A 32 18.49 -8.95 -15.97
CA ARG A 32 17.37 -9.54 -15.27
C ARG A 32 16.58 -8.48 -14.54
N PHE A 33 15.26 -8.64 -14.54
CA PHE A 33 14.38 -7.73 -13.85
C PHE A 33 13.15 -8.47 -13.36
N LYS A 34 12.81 -8.25 -12.11
CA LYS A 34 11.69 -8.91 -11.48
C LYS A 34 10.96 -7.92 -10.54
N ILE A 35 9.64 -7.94 -10.59
CA ILE A 35 8.81 -7.12 -9.70
C ILE A 35 7.93 -8.03 -8.85
N ARG A 36 7.91 -7.79 -7.55
CA ARG A 36 7.02 -8.54 -6.69
C ARG A 36 6.22 -7.66 -5.73
N ASP A 37 5.04 -8.13 -5.40
CA ASP A 37 4.16 -7.47 -4.44
C ASP A 37 4.64 -7.79 -3.03
N MET A 38 4.99 -6.75 -2.28
CA MET A 38 5.62 -6.96 -0.97
C MET A 38 4.60 -7.46 0.05
N ASP A 39 3.32 -7.36 -0.27
CA ASP A 39 2.29 -7.79 0.63
C ASP A 39 1.73 -9.21 0.33
N SER A 40 2.21 -9.83 -0.74
CA SER A 40 1.72 -11.18 -1.11
C SER A 40 2.85 -12.11 -1.59
N GLY A 41 3.97 -11.54 -1.97
CA GLY A 41 5.07 -12.31 -2.58
C GLY A 41 4.78 -12.76 -4.00
N THR A 42 3.63 -12.34 -4.55
CA THR A 42 3.34 -12.61 -5.97
C THR A 42 4.38 -11.94 -6.85
N VAL A 43 4.91 -12.70 -7.82
CA VAL A 43 5.77 -12.15 -8.83
C VAL A 43 4.93 -11.56 -9.95
N LEU A 44 5.02 -10.25 -10.14
CA LEU A 44 4.10 -9.55 -11.04
C LEU A 44 4.69 -9.50 -12.45
N PHE A 45 5.99 -9.61 -12.54
CA PHE A 45 6.69 -9.56 -13.81
C PHE A 45 8.08 -10.07 -13.61
N GLU A 46 8.58 -10.84 -14.56
CA GLU A 46 9.97 -11.22 -14.58
C GLU A 46 10.47 -11.40 -15.99
N ILE A 47 11.65 -10.86 -16.27
CA ILE A 47 12.35 -11.13 -17.51
C ILE A 47 13.81 -11.46 -17.21
N LYS A 48 14.36 -12.41 -17.97
CA LYS A 48 15.77 -12.77 -17.89
C LYS A 48 16.35 -12.79 -19.29
N LYS A 49 17.52 -12.20 -19.47
CA LYS A 49 18.29 -12.40 -20.70
C LYS A 49 18.58 -13.89 -20.90
N PRO A 50 18.33 -14.41 -22.12
CA PRO A 50 18.62 -15.82 -22.48
C PRO A 50 20.12 -16.09 -22.63
N LYS A 63 11.71 -8.94 -34.85
CA LYS A 63 12.77 -7.96 -34.69
C LYS A 63 12.69 -7.30 -33.32
N ASP A 64 11.77 -6.35 -33.20
CA ASP A 64 11.71 -5.47 -32.03
C ASP A 64 13.04 -4.70 -31.85
N PRO A 65 13.32 -3.76 -32.78
CA PRO A 65 14.60 -3.04 -32.83
C PRO A 65 14.75 -1.93 -31.75
N ASN A 66 13.66 -1.59 -31.06
CA ASN A 66 13.73 -0.65 -29.92
C ASN A 66 13.52 -1.34 -28.57
N ALA A 67 13.49 -2.68 -28.58
CA ALA A 67 13.33 -3.48 -27.35
C ALA A 67 14.29 -3.01 -26.26
N GLY A 68 15.43 -2.48 -26.69
CA GLY A 68 16.45 -2.06 -25.78
C GLY A 68 16.03 -0.88 -24.94
N ARG A 69 15.06 -0.08 -25.44
CA ARG A 69 14.73 1.21 -24.81
C ARG A 69 13.24 1.43 -24.56
N PHE A 70 12.40 0.48 -24.96
CA PHE A 70 11.00 0.55 -24.68
C PHE A 70 10.46 -0.78 -24.22
N VAL A 71 9.67 -0.76 -23.15
CA VAL A 71 9.01 -1.99 -22.67
C VAL A 71 7.54 -1.72 -22.34
N ARG A 72 6.70 -2.69 -22.67
CA ARG A 72 5.28 -2.57 -22.47
C ARG A 72 4.85 -3.58 -21.42
N TYR A 73 4.15 -3.11 -20.40
CA TYR A 73 3.74 -3.95 -19.29
C TYR A 73 2.29 -4.27 -19.34
N GLN A 74 1.95 -5.54 -19.10
CA GLN A 74 0.56 -5.97 -18.98
C GLN A 74 0.25 -6.39 -17.56
N PHE A 75 -0.39 -5.51 -16.80
CA PHE A 75 -0.75 -5.83 -15.41
C PHE A 75 -2.24 -6.00 -15.26
N THR A 76 -2.66 -6.37 -14.05
CA THR A 76 -4.06 -6.53 -13.76
C THR A 76 -4.58 -5.27 -13.04
N PRO A 77 -5.89 -5.12 -12.97
CA PRO A 77 -6.50 -4.00 -12.24
C PRO A 77 -6.14 -3.98 -10.75
N ALA A 78 -5.90 -5.16 -10.17
CA ALA A 78 -5.49 -5.23 -8.75
C ALA A 78 -4.13 -4.54 -8.50
N PHE A 79 -3.30 -4.46 -9.54
CA PHE A 79 -1.98 -3.85 -9.43
C PHE A 79 -2.11 -2.40 -8.87
N LEU A 80 -3.17 -1.72 -9.27
CA LEU A 80 -3.32 -0.29 -8.94
C LEU A 80 -3.70 -0.09 -7.47
N ARG A 81 -4.05 -1.17 -6.79
CA ARG A 81 -4.43 -1.10 -5.40
C ARG A 81 -3.30 -1.59 -4.48
N LEU A 82 -2.13 -1.85 -5.04
CA LEU A 82 -0.99 -2.31 -4.23
C LEU A 82 -0.41 -1.17 -3.40
N ARG A 83 0.28 -1.54 -2.32
CA ARG A 83 0.92 -0.58 -1.43
C ARG A 83 2.40 -0.41 -1.81
N GLN A 84 3.07 -1.53 -2.09
CA GLN A 84 4.50 -1.53 -2.24
C GLN A 84 4.96 -2.71 -3.09
N VAL A 85 5.80 -2.42 -4.08
CA VAL A 85 6.42 -3.47 -4.87
C VAL A 85 7.92 -3.38 -4.79
N GLY A 86 8.55 -4.54 -4.75
CA GLY A 86 10.00 -4.63 -4.77
C GLY A 86 10.49 -5.05 -6.13
N ALA A 87 11.38 -4.27 -6.69
CA ALA A 87 11.94 -4.58 -7.98
C ALA A 87 13.39 -4.99 -7.82
N THR A 88 13.75 -6.14 -8.38
CA THR A 88 15.14 -6.61 -8.35
C THR A 88 15.71 -6.55 -9.76
N VAL A 89 16.85 -5.88 -9.90
CA VAL A 89 17.49 -5.77 -11.18
C VAL A 89 18.91 -6.30 -11.12
N GLU A 90 19.30 -7.05 -12.13
CA GLU A 90 20.68 -7.44 -12.31
C GLU A 90 21.20 -6.83 -13.58
N PHE A 91 22.42 -6.31 -13.52
CA PHE A 91 23.00 -5.65 -14.66
C PHE A 91 24.50 -5.86 -14.71
N THR A 92 25.04 -5.93 -15.91
CA THR A 92 26.46 -5.98 -16.08
C THR A 92 26.98 -4.58 -16.34
N VAL A 93 28.24 -4.34 -16.01
N VAL A 93 28.26 -4.37 -16.00
CA VAL A 93 28.88 -3.11 -16.41
CA VAL A 93 28.95 -3.12 -16.29
C VAL A 93 30.25 -3.39 -17.02
C VAL A 93 30.25 -3.43 -17.04
N GLY A 94 30.69 -2.50 -17.89
CA GLY A 94 32.00 -2.62 -18.54
C GLY A 94 33.14 -2.25 -17.61
N ASP A 95 34.31 -2.00 -18.20
CA ASP A 95 35.54 -2.01 -17.44
C ASP A 95 35.83 -0.65 -16.78
N LYS A 96 35.12 0.39 -17.20
CA LYS A 96 35.27 1.72 -16.57
C LYS A 96 34.53 1.75 -15.24
N PRO A 97 35.15 2.36 -14.22
CA PRO A 97 34.48 2.54 -12.94
C PRO A 97 33.18 3.33 -13.11
N VAL A 98 32.17 2.96 -12.34
CA VAL A 98 30.89 3.67 -12.36
C VAL A 98 30.60 4.22 -10.98
N ASN A 99 30.57 5.54 -10.87
CA ASN A 99 30.35 6.17 -9.60
C ASN A 99 29.01 6.92 -9.56
N ASN A 100 28.28 6.74 -8.47
CA ASN A 100 26.99 7.47 -8.26
C ASN A 100 26.00 7.16 -9.38
N PHE A 101 25.73 5.88 -9.55
CA PHE A 101 24.74 5.42 -10.50
C PHE A 101 23.34 5.62 -9.88
N ARG A 102 22.47 6.26 -10.62
CA ARG A 102 21.21 6.79 -10.06
C ARG A 102 20.13 6.74 -11.16
N MET A 103 18.93 6.28 -10.79
CA MET A 103 17.80 6.33 -11.69
C MET A 103 16.72 7.21 -11.14
N ILE A 104 16.25 8.13 -11.96
CA ILE A 104 15.04 8.88 -11.67
C ILE A 104 13.98 8.43 -12.64
N GLU A 105 12.88 7.92 -12.10
CA GLU A 105 11.86 7.31 -12.91
C GLU A 105 10.52 7.96 -12.62
N ARG A 106 9.93 8.52 -13.67
CA ARG A 106 8.75 9.34 -13.52
C ARG A 106 7.55 8.70 -14.26
N HIS A 107 6.45 8.50 -13.52
CA HIS A 107 5.26 7.83 -14.03
C HIS A 107 4.13 8.84 -14.17
N TYR A 108 3.50 8.85 -15.34
CA TYR A 108 2.39 9.76 -15.63
C TYR A 108 1.18 9.01 -16.15
N PHE A 109 -0.01 9.51 -15.85
CA PHE A 109 -1.19 9.15 -16.59
C PHE A 109 -1.70 10.34 -17.39
N ARG A 110 -1.77 10.16 -18.72
CA ARG A 110 -2.05 11.28 -19.64
C ARG A 110 -1.29 12.55 -19.22
N ASN A 111 -0.02 12.40 -18.98
CA ASN A 111 0.81 13.57 -18.58
C ASN A 111 0.31 14.31 -17.31
N GLN A 112 -0.38 13.61 -16.44
CA GLN A 112 -0.43 13.98 -15.05
C GLN A 112 0.55 13.13 -14.27
N LEU A 113 1.51 13.77 -13.62
CA LEU A 113 2.51 13.06 -12.81
C LEU A 113 1.82 12.28 -11.72
N LEU A 114 2.10 10.98 -11.65
CA LEU A 114 1.64 10.16 -10.57
C LEU A 114 2.68 10.13 -9.44
N LYS A 115 3.89 9.73 -9.78
CA LYS A 115 4.95 9.73 -8.83
C LYS A 115 6.28 9.66 -9.54
N SER A 116 7.27 10.27 -8.92
CA SER A 116 8.66 10.15 -9.36
C SER A 116 9.45 9.43 -8.30
N PHE A 117 10.27 8.47 -8.72
CA PHE A 117 11.08 7.67 -7.81
C PHE A 117 12.55 7.92 -8.10
N ASP A 118 13.33 8.09 -7.05
CA ASP A 118 14.72 8.46 -7.18
C ASP A 118 15.54 7.41 -6.46
N PHE A 119 16.19 6.54 -7.23
CA PHE A 119 16.91 5.40 -6.64
C PHE A 119 18.41 5.55 -6.87
N HIS A 120 19.19 5.37 -5.82
CA HIS A 120 20.62 5.31 -5.94
C HIS A 120 21.09 3.89 -5.84
N PHE A 121 21.77 3.41 -6.87
CA PHE A 121 22.32 2.09 -6.84
C PHE A 121 23.44 2.03 -5.80
N GLY A 122 23.73 0.82 -5.33
CA GLY A 122 24.88 0.60 -4.49
C GLY A 122 26.16 0.69 -5.28
N PHE A 123 27.28 0.37 -4.64
CA PHE A 123 28.53 0.38 -5.32
C PHE A 123 28.50 -0.57 -6.50
N CYS A 124 28.89 -0.07 -7.67
CA CYS A 124 28.91 -0.89 -8.89
C CYS A 124 30.28 -1.40 -9.17
N ILE A 125 30.40 -2.72 -9.24
CA ILE A 125 31.67 -3.36 -9.51
C ILE A 125 31.89 -3.46 -11.03
N PRO A 126 32.98 -2.88 -11.53
CA PRO A 126 33.25 -2.91 -12.99
C PRO A 126 33.45 -4.33 -13.49
N SER A 127 33.17 -4.55 -14.79
CA SER A 127 33.42 -5.84 -15.44
C SER A 127 32.76 -7.01 -14.70
N SER A 128 31.56 -6.77 -14.17
N SER A 128 31.56 -6.79 -14.19
CA SER A 128 30.90 -7.77 -13.30
CA SER A 128 30.88 -7.85 -13.46
C SER A 128 29.38 -7.66 -13.40
C SER A 128 29.38 -7.66 -13.42
N LYS A 129 28.68 -8.72 -13.02
CA LYS A 129 27.26 -8.64 -12.72
C LYS A 129 27.05 -7.91 -11.42
N ASN A 130 26.05 -7.06 -11.39
CA ASN A 130 25.66 -6.35 -10.18
C ASN A 130 24.18 -6.53 -9.96
N THR A 131 23.75 -6.41 -8.70
N THR A 131 23.75 -6.40 -8.71
CA THR A 131 22.34 -6.57 -8.36
CA THR A 131 22.36 -6.56 -8.37
C THR A 131 21.89 -5.44 -7.45
C THR A 131 21.89 -5.44 -7.45
N CYS A 132 20.64 -5.02 -7.61
CA CYS A 132 20.07 -3.94 -6.78
C CYS A 132 18.59 -4.20 -6.59
N GLU A 133 18.07 -3.89 -5.41
CA GLU A 133 16.61 -3.88 -5.21
C GLU A 133 16.06 -2.44 -5.05
N HIS A 134 15.03 -2.12 -5.84
CA HIS A 134 14.31 -0.84 -5.71
C HIS A 134 12.96 -1.08 -5.05
N ILE A 135 12.66 -0.34 -4.00
CA ILE A 135 11.33 -0.42 -3.38
C ILE A 135 10.45 0.73 -3.83
N TYR A 136 9.33 0.40 -4.46
CA TYR A 136 8.36 1.41 -4.90
C TYR A 136 7.16 1.49 -3.92
N ASP A 137 7.04 2.60 -3.21
CA ASP A 137 5.82 2.90 -2.49
C ASP A 137 4.84 3.64 -3.39
N PHE A 138 3.68 3.06 -3.59
CA PHE A 138 2.67 3.63 -4.49
C PHE A 138 2.14 4.92 -3.93
N PRO A 139 1.87 5.88 -4.81
CA PRO A 139 1.12 7.05 -4.41
C PRO A 139 -0.33 6.68 -4.16
N PRO A 140 -1.04 7.51 -3.38
CA PRO A 140 -2.52 7.46 -3.31
C PRO A 140 -3.13 7.65 -4.69
N LEU A 141 -4.02 6.76 -5.08
CA LEU A 141 -4.77 6.95 -6.32
C LEU A 141 -6.24 7.04 -6.00
N SER A 142 -6.89 8.06 -6.53
CA SER A 142 -8.30 8.20 -6.36
C SER A 142 -9.05 7.11 -7.13
N GLU A 143 -10.27 6.85 -6.72
CA GLU A 143 -11.13 5.92 -7.40
C GLU A 143 -11.31 6.29 -8.86
N GLU A 144 -11.47 7.59 -9.13
CA GLU A 144 -11.68 8.08 -10.50
C GLU A 144 -10.45 7.81 -11.38
N LEU A 145 -9.28 8.09 -10.84
CA LEU A 145 -8.05 7.85 -11.54
C LEU A 145 -7.86 6.33 -11.84
N ILE A 146 -8.11 5.50 -10.84
CA ILE A 146 -7.94 4.07 -11.01
C ILE A 146 -8.86 3.56 -12.15
N SER A 147 -10.11 3.99 -12.12
CA SER A 147 -11.07 3.63 -13.15
CA SER A 147 -11.05 3.60 -13.15
C SER A 147 -10.58 4.05 -14.56
N GLU A 148 -10.04 5.26 -14.65
CA GLU A 148 -9.51 5.76 -15.93
C GLU A 148 -8.30 4.99 -16.41
N MET A 149 -7.41 4.65 -15.50
CA MET A 149 -6.20 3.94 -15.85
C MET A 149 -6.51 2.54 -16.35
N ILE A 150 -7.51 1.90 -15.78
CA ILE A 150 -7.95 0.60 -16.22
C ILE A 150 -8.59 0.69 -17.63
N ARG A 151 -9.37 1.73 -17.85
CA ARG A 151 -10.12 1.86 -19.09
C ARG A 151 -9.25 2.34 -20.25
N HIS A 152 -8.08 2.90 -19.93
CA HIS A 152 -7.20 3.50 -20.96
C HIS A 152 -5.80 2.92 -20.91
N PRO A 153 -5.65 1.69 -21.38
CA PRO A 153 -4.35 1.05 -21.43
C PRO A 153 -3.33 1.91 -22.20
N TYR A 154 -2.10 1.93 -21.69
CA TYR A 154 -0.95 2.51 -22.38
C TYR A 154 -0.91 4.04 -22.35
N GLU A 155 -1.91 4.64 -21.73
CA GLU A 155 -1.86 6.07 -21.46
C GLU A 155 -1.20 6.35 -20.11
N THR A 156 -0.91 5.29 -19.36
CA THR A 156 0.08 5.36 -18.30
C THR A 156 1.44 5.03 -18.84
N GLN A 157 2.39 5.94 -18.62
CA GLN A 157 3.71 5.84 -19.21
C GLN A 157 4.77 6.30 -18.21
N SER A 158 5.99 5.82 -18.37
CA SER A 158 7.08 6.26 -17.54
C SER A 158 8.35 6.56 -18.33
N ASP A 159 9.13 7.51 -17.82
CA ASP A 159 10.50 7.77 -18.26
C ASP A 159 11.47 7.34 -17.17
N SER A 160 12.45 6.53 -17.54
CA SER A 160 13.51 6.16 -16.65
C SER A 160 14.79 6.85 -17.08
N PHE A 161 15.27 7.77 -16.26
CA PHE A 161 16.47 8.52 -16.54
C PHE A 161 17.63 8.00 -15.68
N TYR A 162 18.71 7.57 -16.33
CA TYR A 162 19.85 7.02 -15.62
C TYR A 162 21.06 7.95 -15.67
N PHE A 163 21.63 8.21 -14.52
CA PHE A 163 22.76 9.09 -14.38
C PHE A 163 23.96 8.36 -13.80
N VAL A 164 25.14 8.67 -14.33
CA VAL A 164 26.39 8.35 -13.68
C VAL A 164 27.17 9.63 -13.45
N ASP A 165 27.59 9.84 -12.21
CA ASP A 165 28.20 11.12 -11.80
C ASP A 165 27.43 12.30 -12.35
N ASP A 166 26.11 12.27 -12.19
CA ASP A 166 25.25 13.44 -12.44
C ASP A 166 25.08 13.74 -13.90
N ARG A 167 25.48 12.80 -14.74
CA ARG A 167 25.32 12.93 -16.17
C ARG A 167 24.43 11.83 -16.71
N LEU A 168 23.46 12.22 -17.54
CA LEU A 168 22.55 11.25 -18.14
C LEU A 168 23.28 10.37 -19.12
N VAL A 169 23.19 9.04 -18.91
CA VAL A 169 23.85 8.09 -19.80
C VAL A 169 22.85 7.05 -20.43
N MET A 170 21.68 6.90 -19.81
CA MET A 170 20.61 6.09 -20.42
C MET A 170 19.25 6.70 -20.17
N HIS A 171 18.32 6.41 -21.08
CA HIS A 171 16.95 6.82 -20.95
C HIS A 171 16.08 5.74 -21.56
N ASN A 172 15.29 5.07 -20.73
CA ASN A 172 14.35 4.04 -21.20
C ASN A 172 12.91 4.50 -20.97
N LYS A 173 11.99 4.00 -21.79
CA LYS A 173 10.60 4.35 -21.70
C LYS A 173 9.76 3.09 -21.50
N ALA A 174 8.62 3.24 -20.85
CA ALA A 174 7.69 2.16 -20.67
C ALA A 174 6.26 2.66 -20.78
N ASP A 175 5.33 1.77 -21.13
CA ASP A 175 3.95 2.02 -20.85
C ASP A 175 3.23 0.82 -20.30
N TYR A 176 2.01 1.03 -19.80
CA TYR A 176 1.38 0.12 -18.86
C TYR A 176 -0.07 -0.10 -19.22
N SER A 177 -0.49 -1.34 -19.23
CA SER A 177 -1.92 -1.68 -19.21
C SER A 177 -2.31 -2.30 -17.89
N TYR A 178 -3.49 -1.99 -17.41
CA TYR A 178 -4.02 -2.62 -16.22
C TYR A 178 -5.31 -3.36 -16.54
N SER A 179 -5.41 -3.84 -17.78
CA SER A 179 -6.63 -4.40 -18.30
C SER A 179 -6.68 -5.92 -18.12
N GLY A 180 -5.63 -6.49 -17.54
CA GLY A 180 -5.63 -7.89 -17.16
C GLY A 180 -5.69 -8.82 -18.37
N GLY B 1 11.74 0.99 -16.45
CA GLY B 1 12.69 0.99 -17.59
C GLY B 1 13.78 -0.08 -17.48
N CYS B 2 14.02 -0.57 -16.25
CA CYS B 2 15.01 -1.63 -16.03
C CYS B 2 14.54 -2.97 -16.60
N GLY B 3 13.29 -3.02 -17.05
CA GLY B 3 12.76 -4.22 -17.70
C GLY B 3 12.97 -4.27 -19.19
N CYS B 4 13.64 -3.26 -19.72
CA CYS B 4 14.04 -3.26 -21.12
C CYS B 4 15.14 -4.28 -21.36
N SER B 5 15.13 -4.92 -22.53
CA SER B 5 16.28 -5.70 -22.99
C SER B 5 16.25 -5.93 -24.50
N SER B 6 17.35 -5.59 -25.16
CA SER B 6 17.57 -6.00 -26.55
C SER B 6 17.22 -7.49 -26.76
N PRO C 1 -43.81 -27.03 -6.45
CA PRO C 1 -43.67 -27.21 -7.86
C PRO C 1 -43.31 -25.88 -8.55
N ILE C 2 -42.03 -25.68 -8.84
CA ILE C 2 -41.49 -24.33 -9.10
C ILE C 2 -41.72 -23.86 -10.54
N GLY C 3 -42.37 -22.70 -10.69
CA GLY C 3 -42.61 -22.11 -12.00
C GLY C 3 -41.92 -20.75 -12.19
N PRO C 4 -41.98 -20.21 -13.41
CA PRO C 4 -41.26 -18.97 -13.74
C PRO C 4 -41.58 -17.83 -12.82
N GLU C 5 -42.85 -17.72 -12.42
CA GLU C 5 -43.27 -16.62 -11.59
C GLU C 5 -42.65 -16.69 -10.21
N ASP C 6 -42.18 -17.88 -9.83
CA ASP C 6 -41.51 -18.05 -8.55
C ASP C 6 -40.10 -17.47 -8.55
N VAL C 7 -39.47 -17.35 -9.71
CA VAL C 7 -38.06 -16.87 -9.76
C VAL C 7 -37.99 -15.46 -10.29
N LEU C 8 -39.04 -15.01 -10.97
CA LEU C 8 -39.01 -13.74 -11.68
C LEU C 8 -39.03 -12.55 -10.73
N GLY C 9 -39.29 -12.80 -9.45
CA GLY C 9 -39.31 -11.73 -8.45
C GLY C 9 -38.18 -11.84 -7.41
N LEU C 10 -37.25 -12.77 -7.59
CA LEU C 10 -36.17 -12.98 -6.62
C LEU C 10 -35.26 -11.79 -6.59
N GLN C 11 -34.87 -11.36 -5.40
CA GLN C 11 -34.05 -10.20 -5.25
C GLN C 11 -32.66 -10.53 -4.72
N ARG C 12 -32.38 -11.82 -4.57
CA ARG C 12 -31.03 -12.27 -4.26
C ARG C 12 -30.75 -13.63 -4.85
N ILE C 13 -29.47 -13.95 -4.94
CA ILE C 13 -29.02 -15.29 -5.30
C ILE C 13 -29.55 -16.32 -4.32
N THR C 14 -29.94 -17.51 -4.81
CA THR C 14 -30.45 -18.58 -3.93
C THR C 14 -29.30 -19.22 -3.13
N GLY C 15 -29.61 -19.64 -1.90
CA GLY C 15 -28.61 -20.25 -1.01
C GLY C 15 -28.41 -21.72 -1.26
N ASP C 16 -29.25 -22.30 -2.11
CA ASP C 16 -29.08 -23.67 -2.57
C ASP C 16 -29.72 -23.84 -3.96
N TYR C 17 -29.42 -24.95 -4.61
CA TYR C 17 -30.12 -25.34 -5.83
C TYR C 17 -31.59 -25.65 -5.56
N LEU C 18 -32.46 -25.32 -6.52
CA LEU C 18 -33.90 -25.42 -6.31
C LEU C 18 -34.44 -26.71 -6.89
N CYS C 19 -33.60 -27.48 -7.54
CA CYS C 19 -33.98 -28.82 -7.96
C CYS C 19 -32.77 -29.72 -7.96
N SER C 20 -33.01 -31.02 -8.00
CA SER C 20 -31.94 -32.00 -8.11
C SER C 20 -31.64 -32.27 -9.57
N PRO C 21 -30.46 -32.83 -9.85
CA PRO C 21 -30.09 -33.24 -11.21
C PRO C 21 -31.11 -34.20 -11.82
N GLU C 22 -31.78 -34.98 -10.98
CA GLU C 22 -32.65 -36.05 -11.46
C GLU C 22 -33.94 -35.48 -12.04
N GLU C 23 -34.20 -34.20 -11.78
CA GLU C 23 -35.42 -33.56 -12.27
C GLU C 23 -35.27 -33.14 -13.73
N ASN C 24 -34.07 -33.26 -14.25
CA ASN C 24 -33.81 -33.12 -15.67
C ASN C 24 -34.27 -34.36 -16.47
N ILE C 25 -35.58 -34.59 -16.48
CA ILE C 25 -36.14 -35.83 -17.05
C ILE C 25 -36.11 -35.82 -18.57
N TYR C 26 -35.86 -34.66 -19.16
CA TYR C 26 -35.79 -34.54 -20.62
C TYR C 26 -34.38 -34.75 -21.09
N LYS C 27 -33.46 -34.92 -20.13
CA LYS C 27 -32.08 -35.26 -20.45
C LYS C 27 -31.44 -34.20 -21.30
N ILE C 28 -31.66 -32.95 -20.91
CA ILE C 28 -31.03 -31.83 -21.59
C ILE C 28 -29.59 -31.66 -21.15
N ASP C 29 -28.69 -31.58 -22.13
CA ASP C 29 -27.26 -31.58 -21.87
C ASP C 29 -26.57 -30.53 -22.73
N PHE C 30 -25.97 -29.54 -22.09
CA PHE C 30 -25.24 -28.50 -22.81
C PHE C 30 -23.87 -29.02 -23.22
N VAL C 31 -23.59 -29.04 -24.52
CA VAL C 31 -22.38 -29.62 -25.03
C VAL C 31 -21.46 -28.59 -25.69
N ARG C 32 -21.98 -27.38 -25.88
CA ARG C 32 -21.15 -26.29 -26.35
C ARG C 32 -21.75 -24.96 -25.94
N PHE C 33 -20.88 -24.03 -25.58
CA PHE C 33 -21.31 -22.69 -25.21
C PHE C 33 -20.22 -21.70 -25.58
N LYS C 34 -20.62 -20.63 -26.21
CA LYS C 34 -19.69 -19.62 -26.67
C LYS C 34 -20.32 -18.26 -26.47
N ILE C 35 -19.53 -17.31 -25.97
CA ILE C 35 -19.96 -15.91 -25.82
CA ILE C 35 -20.00 -15.93 -25.94
C ILE C 35 -19.07 -15.02 -26.67
N ARG C 36 -19.64 -14.14 -27.46
CA ARG C 36 -18.85 -13.20 -28.23
C ARG C 36 -19.34 -11.77 -28.13
N ASP C 37 -18.40 -10.84 -28.23
CA ASP C 37 -18.69 -9.42 -28.22
C ASP C 37 -19.21 -9.02 -29.58
N MET C 38 -20.45 -8.52 -29.61
CA MET C 38 -21.12 -8.24 -30.87
C MET C 38 -20.50 -7.06 -31.58
N ASP C 39 -19.70 -6.28 -30.87
CA ASP C 39 -19.07 -5.10 -31.46
C ASP C 39 -17.60 -5.32 -31.94
N SER C 40 -17.05 -6.50 -31.66
CA SER C 40 -15.65 -6.75 -32.03
C SER C 40 -15.43 -8.16 -32.65
N GLY C 41 -16.37 -9.04 -32.42
CA GLY C 41 -16.23 -10.44 -32.84
C GLY C 41 -15.27 -11.23 -31.96
N THR C 42 -14.77 -10.62 -30.90
CA THR C 42 -13.96 -11.33 -29.93
C THR C 42 -14.75 -12.41 -29.26
N VAL C 43 -14.16 -13.59 -29.17
CA VAL C 43 -14.75 -14.67 -28.40
C VAL C 43 -14.30 -14.57 -26.94
N LEU C 44 -15.23 -14.34 -26.07
CA LEU C 44 -14.92 -14.01 -24.71
C LEU C 44 -14.82 -15.26 -23.86
N PHE C 45 -15.46 -16.32 -24.32
CA PHE C 45 -15.44 -17.59 -23.62
C PHE C 45 -15.99 -18.63 -24.53
N GLU C 46 -15.38 -19.81 -24.51
CA GLU C 46 -15.94 -20.95 -25.23
C GLU C 46 -15.61 -22.23 -24.52
N ILE C 47 -16.59 -23.13 -24.43
CA ILE C 47 -16.35 -24.46 -23.97
C ILE C 47 -17.06 -25.44 -24.88
N LYS C 48 -16.43 -26.59 -25.12
CA LYS C 48 -17.04 -27.66 -25.92
C LYS C 48 -16.81 -29.02 -25.23
N LYS C 49 -17.89 -29.78 -25.08
CA LYS C 49 -17.82 -31.06 -24.34
C LYS C 49 -17.01 -32.11 -25.14
N PRO C 50 -15.86 -32.54 -24.58
CA PRO C 50 -14.96 -33.47 -25.29
C PRO C 50 -15.53 -34.88 -25.36
N ASP C 64 -18.17 -34.50 -6.41
CA ASP C 64 -18.55 -33.10 -6.32
C ASP C 64 -20.02 -32.91 -6.64
N PRO C 65 -20.83 -32.44 -5.66
CA PRO C 65 -22.24 -32.12 -5.90
C PRO C 65 -22.44 -30.84 -6.76
N ASN C 66 -21.36 -30.09 -6.99
CA ASN C 66 -21.39 -28.96 -7.91
C ASN C 66 -21.07 -29.39 -9.34
N ALA C 67 -20.55 -30.60 -9.50
CA ALA C 67 -20.21 -31.13 -10.82
C ALA C 67 -21.32 -30.82 -11.82
N GLY C 68 -21.02 -29.94 -12.76
CA GLY C 68 -21.85 -29.74 -13.92
C GLY C 68 -22.96 -28.73 -13.68
N ARG C 69 -22.98 -28.14 -12.48
CA ARG C 69 -24.04 -27.18 -12.12
C ARG C 69 -23.48 -25.85 -11.69
N PHE C 70 -22.16 -25.74 -11.64
CA PHE C 70 -21.52 -24.50 -11.27
C PHE C 70 -20.41 -24.19 -12.24
N VAL C 71 -20.33 -22.93 -12.68
CA VAL C 71 -19.23 -22.50 -13.52
C VAL C 71 -18.69 -21.15 -13.05
N ARG C 72 -17.38 -21.01 -13.07
CA ARG C 72 -16.71 -19.78 -12.67
C ARG C 72 -16.09 -19.14 -13.87
N TYR C 73 -16.39 -17.85 -14.09
CA TYR C 73 -15.89 -17.11 -15.26
C TYR C 73 -14.81 -16.13 -14.88
N GLN C 74 -13.77 -16.08 -15.70
CA GLN C 74 -12.66 -15.12 -15.55
C GLN C 74 -12.67 -14.16 -16.70
N PHE C 75 -13.24 -12.99 -16.51
CA PHE C 75 -13.31 -12.04 -17.57
C PHE C 75 -12.39 -10.87 -17.29
N THR C 76 -12.31 -9.97 -18.24
N THR C 76 -12.36 -9.96 -18.24
CA THR C 76 -11.49 -8.77 -18.09
CA THR C 76 -11.53 -8.80 -18.18
C THR C 76 -12.36 -7.61 -17.63
C THR C 76 -12.38 -7.61 -17.66
N PRO C 77 -11.72 -6.55 -17.11
CA PRO C 77 -12.48 -5.32 -16.73
C PRO C 77 -13.23 -4.67 -17.90
N ALA C 78 -12.68 -4.79 -19.10
CA ALA C 78 -13.33 -4.27 -20.30
C ALA C 78 -14.72 -4.93 -20.57
N PHE C 79 -14.88 -6.16 -20.10
CA PHE C 79 -16.13 -6.88 -20.26
C PHE C 79 -17.31 -6.04 -19.76
N LEU C 80 -17.09 -5.31 -18.65
CA LEU C 80 -18.19 -4.58 -17.99
C LEU C 80 -18.62 -3.34 -18.79
N ARG C 81 -17.84 -3.00 -19.80
CA ARG C 81 -18.16 -1.86 -20.63
C ARG C 81 -18.75 -2.26 -21.98
N LEU C 82 -19.01 -3.54 -22.17
CA LEU C 82 -19.60 -4.01 -23.40
C LEU C 82 -21.05 -3.57 -23.52
N ARG C 83 -21.55 -3.56 -24.75
CA ARG C 83 -22.94 -3.18 -25.02
C ARG C 83 -23.78 -4.44 -25.17
N GLN C 84 -23.26 -5.42 -25.87
CA GLN C 84 -24.06 -6.56 -26.26
C GLN C 84 -23.17 -7.76 -26.51
N VAL C 85 -23.54 -8.92 -25.93
N VAL C 85 -23.55 -8.91 -25.94
CA VAL C 85 -22.85 -10.16 -26.25
CA VAL C 85 -22.88 -10.17 -26.20
C VAL C 85 -23.82 -11.20 -26.79
C VAL C 85 -23.83 -11.20 -26.79
N GLY C 86 -23.35 -11.95 -27.77
CA GLY C 86 -24.13 -13.04 -28.33
C GLY C 86 -23.64 -14.35 -27.80
N ALA C 87 -24.56 -15.16 -27.25
CA ALA C 87 -24.24 -16.43 -26.68
C ALA C 87 -24.83 -17.53 -27.52
N THR C 88 -24.01 -18.46 -27.92
CA THR C 88 -24.47 -19.60 -28.70
C THR C 88 -24.36 -20.84 -27.86
N VAL C 89 -25.47 -21.58 -27.78
N VAL C 89 -25.47 -21.57 -27.76
CA VAL C 89 -25.49 -22.79 -26.99
CA VAL C 89 -25.49 -22.79 -26.98
C VAL C 89 -25.92 -23.97 -27.86
C VAL C 89 -25.93 -23.97 -27.85
N GLU C 90 -25.20 -25.09 -27.73
CA GLU C 90 -25.63 -26.36 -28.32
C GLU C 90 -25.94 -27.34 -27.22
N PHE C 91 -27.03 -28.06 -27.37
CA PHE C 91 -27.45 -29.00 -26.38
C PHE C 91 -28.14 -30.18 -27.01
N THR C 92 -27.98 -31.34 -26.39
CA THR C 92 -28.73 -32.52 -26.78
C THR C 92 -29.94 -32.66 -25.90
N VAL C 93 -30.95 -33.35 -26.39
CA VAL C 93 -32.09 -33.71 -25.57
C VAL C 93 -32.44 -35.17 -25.79
N GLY C 94 -33.12 -35.76 -24.81
CA GLY C 94 -33.53 -37.16 -24.89
C GLY C 94 -34.76 -37.35 -25.77
N ASP C 95 -35.41 -38.50 -25.63
CA ASP C 95 -36.36 -38.95 -26.64
C ASP C 95 -37.76 -38.37 -26.42
N LYS C 96 -38.00 -37.82 -25.23
CA LYS C 96 -39.28 -37.16 -24.91
C LYS C 96 -39.32 -35.80 -25.55
N PRO C 97 -40.47 -35.44 -26.14
CA PRO C 97 -40.66 -34.08 -26.64
C PRO C 97 -40.46 -33.04 -25.55
N VAL C 98 -39.87 -31.91 -25.91
CA VAL C 98 -39.60 -30.85 -24.95
C VAL C 98 -40.30 -29.56 -25.32
N ASN C 99 -41.37 -29.26 -24.62
CA ASN C 99 -42.23 -28.16 -25.00
C ASN C 99 -41.94 -26.90 -24.21
N ASN C 100 -41.75 -25.79 -24.90
CA ASN C 100 -41.64 -24.49 -24.25
C ASN C 100 -40.42 -24.45 -23.31
N PHE C 101 -39.27 -24.77 -23.86
CA PHE C 101 -38.02 -24.74 -23.12
C PHE C 101 -37.57 -23.30 -22.96
N ARG C 102 -37.29 -22.91 -21.73
CA ARG C 102 -37.14 -21.48 -21.37
C ARG C 102 -36.12 -21.36 -20.22
N MET C 103 -35.23 -20.35 -20.31
CA MET C 103 -34.30 -20.04 -19.23
C MET C 103 -34.54 -18.66 -18.71
N ILE C 104 -34.63 -18.54 -17.40
CA ILE C 104 -34.58 -17.25 -16.75
C ILE C 104 -33.28 -17.15 -15.94
N GLU C 105 -32.47 -16.15 -16.28
CA GLU C 105 -31.14 -16.05 -15.73
C GLU C 105 -30.95 -14.69 -15.07
N ARG C 106 -30.66 -14.72 -13.78
CA ARG C 106 -30.64 -13.53 -12.99
C ARG C 106 -29.24 -13.25 -12.45
N HIS C 107 -28.73 -12.05 -12.75
CA HIS C 107 -27.37 -11.67 -12.39
C HIS C 107 -27.40 -10.65 -11.30
N TYR C 108 -26.61 -10.89 -10.23
CA TYR C 108 -26.57 -9.98 -9.08
C TYR C 108 -25.15 -9.59 -8.77
N PHE C 109 -24.97 -8.37 -8.27
CA PHE C 109 -23.75 -8.04 -7.52
C PHE C 109 -24.08 -7.81 -6.06
N ARG C 110 -23.45 -8.59 -5.19
CA ARG C 110 -23.83 -8.62 -3.78
C ARG C 110 -25.33 -8.58 -3.59
N ASN C 111 -26.03 -9.42 -4.31
CA ASN C 111 -27.48 -9.48 -4.17
C ASN C 111 -28.18 -8.13 -4.44
N GLN C 112 -27.56 -7.29 -5.24
CA GLN C 112 -28.27 -6.30 -6.00
C GLN C 112 -28.47 -6.80 -7.43
N LEU C 113 -29.72 -6.94 -7.84
CA LEU C 113 -30.03 -7.43 -9.18
C LEU C 113 -29.45 -6.48 -10.23
N LEU C 114 -28.63 -7.01 -11.12
CA LEU C 114 -28.10 -6.24 -12.24
C LEU C 114 -29.05 -6.30 -13.43
N LYS C 115 -29.43 -7.52 -13.82
CA LYS C 115 -30.42 -7.73 -14.86
C LYS C 115 -30.90 -9.16 -14.83
N SER C 116 -32.13 -9.35 -15.24
CA SER C 116 -32.69 -10.69 -15.45
C SER C 116 -32.97 -10.88 -16.94
N PHE C 117 -32.53 -12.01 -17.46
CA PHE C 117 -32.70 -12.31 -18.88
C PHE C 117 -33.63 -13.50 -19.02
N ASP C 118 -34.55 -13.39 -19.97
CA ASP C 118 -35.58 -14.38 -20.17
C ASP C 118 -35.48 -14.86 -21.62
N PHE C 119 -35.00 -16.07 -21.81
CA PHE C 119 -34.78 -16.60 -23.15
C PHE C 119 -35.65 -17.81 -23.42
N HIS C 120 -36.23 -17.87 -24.61
CA HIS C 120 -36.87 -19.09 -25.08
C HIS C 120 -36.02 -19.83 -26.12
N PHE C 121 -36.03 -21.15 -26.04
CA PHE C 121 -35.21 -21.94 -26.91
C PHE C 121 -35.88 -22.34 -28.20
N GLY C 122 -37.20 -22.19 -28.26
CA GLY C 122 -37.95 -22.62 -29.45
C GLY C 122 -38.09 -24.14 -29.55
N PHE C 123 -38.30 -24.63 -30.76
CA PHE C 123 -38.52 -26.03 -30.93
C PHE C 123 -37.26 -26.82 -30.67
N CYS C 124 -37.40 -27.87 -29.88
CA CYS C 124 -36.30 -28.75 -29.56
C CYS C 124 -36.50 -30.12 -30.19
N ILE C 125 -35.55 -30.52 -31.02
CA ILE C 125 -35.63 -31.79 -31.71
C ILE C 125 -35.18 -32.90 -30.81
N PRO C 126 -36.08 -33.85 -30.52
CA PRO C 126 -35.74 -34.91 -29.57
C PRO C 126 -34.58 -35.80 -30.07
N SER C 127 -33.85 -36.39 -29.13
CA SER C 127 -32.77 -37.33 -29.45
C SER C 127 -31.76 -36.76 -30.45
N SER C 128 -31.44 -35.48 -30.32
CA SER C 128 -30.52 -34.85 -31.27
C SER C 128 -29.88 -33.60 -30.69
N LYS C 129 -28.86 -33.10 -31.40
CA LYS C 129 -28.25 -31.83 -31.10
C LYS C 129 -29.14 -30.68 -31.51
N ASN C 130 -29.22 -29.68 -30.65
CA ASN C 130 -29.95 -28.47 -30.94
C ASN C 130 -29.01 -27.28 -30.75
N THR C 131 -29.22 -26.21 -31.51
CA THR C 131 -28.42 -24.99 -31.38
C THR C 131 -29.29 -23.75 -31.31
N CYS C 132 -28.92 -22.82 -30.45
CA CYS C 132 -29.71 -21.62 -30.24
C CYS C 132 -28.77 -20.45 -29.89
N GLU C 133 -29.03 -19.28 -30.47
CA GLU C 133 -28.31 -18.06 -30.07
C GLU C 133 -29.19 -17.12 -29.23
N HIS C 134 -28.62 -16.63 -28.13
CA HIS C 134 -29.27 -15.64 -27.29
C HIS C 134 -28.44 -14.35 -27.19
N ILE C 135 -29.12 -13.23 -27.22
CA ILE C 135 -28.47 -11.94 -27.14
C ILE C 135 -28.63 -11.34 -25.75
N TYR C 136 -27.52 -10.99 -25.11
CA TYR C 136 -27.53 -10.28 -23.85
C TYR C 136 -27.25 -8.78 -24.10
N ASP C 137 -28.24 -7.94 -23.91
CA ASP C 137 -28.03 -6.50 -23.82
C ASP C 137 -27.70 -6.08 -22.39
N PHE C 138 -26.54 -5.45 -22.21
CA PHE C 138 -26.06 -5.10 -20.89
C PHE C 138 -26.92 -4.01 -20.29
N PRO C 139 -27.16 -4.08 -18.98
CA PRO C 139 -27.79 -2.99 -18.27
C PRO C 139 -26.83 -1.84 -18.14
N PRO C 140 -27.35 -0.63 -17.90
CA PRO C 140 -26.52 0.48 -17.43
C PRO C 140 -25.82 0.12 -16.12
N LEU C 141 -24.51 0.31 -16.07
CA LEU C 141 -23.77 0.14 -14.82
C LEU C 141 -23.12 1.45 -14.46
N SER C 142 -23.30 1.88 -13.22
CA SER C 142 -22.64 3.08 -12.74
C SER C 142 -21.14 2.85 -12.63
N GLU C 143 -20.39 3.94 -12.67
CA GLU C 143 -18.96 3.87 -12.47
C GLU C 143 -18.59 3.23 -11.12
N GLU C 144 -19.36 3.55 -10.07
CA GLU C 144 -19.05 3.03 -8.76
C GLU C 144 -19.26 1.53 -8.73
N LEU C 145 -20.35 1.08 -9.33
CA LEU C 145 -20.65 -0.32 -9.42
C LEU C 145 -19.56 -1.07 -10.23
N ILE C 146 -19.18 -0.53 -11.35
CA ILE C 146 -18.14 -1.18 -12.19
C ILE C 146 -16.83 -1.34 -11.38
N SER C 147 -16.44 -0.27 -10.68
N SER C 147 -16.44 -0.28 -10.66
CA SER C 147 -15.23 -0.29 -9.85
CA SER C 147 -15.27 -0.32 -9.80
C SER C 147 -15.31 -1.38 -8.77
C SER C 147 -15.37 -1.43 -8.74
N GLU C 148 -16.47 -1.48 -8.13
N GLU C 148 -16.53 -1.49 -8.06
CA GLU C 148 -16.69 -2.49 -7.08
CA GLU C 148 -16.77 -2.52 -7.03
C GLU C 148 -16.67 -3.90 -7.64
C GLU C 148 -16.67 -3.91 -7.62
N MET C 149 -17.25 -4.08 -8.81
CA MET C 149 -17.32 -5.41 -9.43
C MET C 149 -15.91 -5.90 -9.81
N ILE C 150 -15.08 -4.97 -10.27
CA ILE C 150 -13.70 -5.29 -10.59
C ILE C 150 -12.93 -5.66 -9.32
N ARG C 151 -13.16 -4.91 -8.25
CA ARG C 151 -12.37 -5.07 -7.03
C ARG C 151 -12.79 -6.28 -6.23
N HIS C 152 -14.01 -6.77 -6.47
CA HIS C 152 -14.57 -7.87 -5.68
C HIS C 152 -14.96 -9.04 -6.55
N PRO C 153 -13.96 -9.77 -7.05
CA PRO C 153 -14.22 -10.97 -7.84
C PRO C 153 -15.14 -11.98 -7.15
N TYR C 154 -16.06 -12.55 -7.92
CA TYR C 154 -16.91 -13.66 -7.48
C TYR C 154 -18.03 -13.24 -6.57
N GLU C 155 -18.13 -11.95 -6.28
CA GLU C 155 -19.35 -11.42 -5.63
C GLU C 155 -20.41 -11.04 -6.66
N THR C 156 -20.04 -11.07 -7.93
CA THR C 156 -21.02 -11.13 -8.99
C THR C 156 -21.37 -12.57 -9.29
N GLN C 157 -22.65 -12.88 -9.25
CA GLN C 157 -23.13 -14.27 -9.35
C GLN C 157 -24.42 -14.29 -10.16
N SER C 158 -24.72 -15.43 -10.77
CA SER C 158 -25.98 -15.60 -11.47
C SER C 158 -26.64 -16.95 -11.16
N ASP C 159 -27.97 -16.95 -11.17
CA ASP C 159 -28.77 -18.18 -11.16
C ASP C 159 -29.38 -18.36 -12.54
N SER C 160 -29.23 -19.54 -13.12
CA SER C 160 -29.91 -19.90 -14.34
C SER C 160 -31.00 -20.94 -14.04
N PHE C 161 -32.24 -20.53 -14.23
CA PHE C 161 -33.38 -21.41 -14.00
C PHE C 161 -33.99 -21.86 -15.33
N TYR C 162 -34.08 -23.17 -15.52
CA TYR C 162 -34.56 -23.73 -16.78
C TYR C 162 -35.91 -24.39 -16.60
N PHE C 163 -36.85 -24.05 -17.47
CA PHE C 163 -38.20 -24.56 -17.41
C PHE C 163 -38.56 -25.30 -18.69
N VAL C 164 -39.29 -26.39 -18.52
CA VAL C 164 -40.01 -27.01 -19.63
C VAL C 164 -41.48 -27.10 -19.26
N ASP C 165 -42.35 -26.59 -20.13
CA ASP C 165 -43.78 -26.46 -19.83
C ASP C 165 -44.00 -25.86 -18.45
N ASP C 166 -43.26 -24.81 -18.15
CA ASP C 166 -43.51 -23.99 -16.96
C ASP C 166 -43.13 -24.71 -15.65
N ARG C 167 -42.39 -25.80 -15.77
CA ARG C 167 -41.91 -26.53 -14.62
C ARG C 167 -40.37 -26.51 -14.57
N LEU C 168 -39.80 -26.18 -13.41
CA LEU C 168 -38.34 -26.12 -13.27
C LEU C 168 -37.74 -27.50 -13.41
N VAL C 169 -36.80 -27.66 -14.34
CA VAL C 169 -36.16 -28.96 -14.56
C VAL C 169 -34.62 -28.90 -14.39
N MET C 170 -34.04 -27.70 -14.49
CA MET C 170 -32.60 -27.52 -14.20
C MET C 170 -32.34 -26.19 -13.52
N HIS C 171 -31.25 -26.13 -12.74
CA HIS C 171 -30.82 -24.90 -12.09
C HIS C 171 -29.30 -24.91 -12.02
N ASN C 172 -28.66 -23.99 -12.75
CA ASN C 172 -27.21 -23.85 -12.74
C ASN C 172 -26.82 -22.53 -12.11
N LYS C 173 -25.62 -22.50 -11.53
CA LYS C 173 -25.10 -21.29 -10.88
C LYS C 173 -23.80 -20.89 -11.50
N ALA C 174 -23.49 -19.61 -11.48
CA ALA C 174 -22.19 -19.12 -11.94
C ALA C 174 -21.70 -18.01 -11.04
N ASP C 175 -20.39 -17.79 -11.01
CA ASP C 175 -19.88 -16.49 -10.57
C ASP C 175 -18.79 -15.99 -11.46
N TYR C 176 -18.41 -14.73 -11.26
CA TYR C 176 -17.71 -13.96 -12.25
C TYR C 176 -16.61 -13.15 -11.60
N SER C 177 -15.43 -13.19 -12.20
CA SER C 177 -14.38 -12.23 -11.92
C SER C 177 -14.17 -11.34 -13.13
N TYR C 178 -13.89 -10.07 -12.88
CA TYR C 178 -13.54 -9.13 -13.94
C TYR C 178 -12.13 -8.59 -13.72
N SER C 179 -11.29 -9.41 -13.12
CA SER C 179 -9.98 -9.00 -12.68
C SER C 179 -8.91 -9.29 -13.74
N GLY C 180 -9.34 -9.88 -14.85
CA GLY C 180 -8.47 -10.14 -15.97
C GLY C 180 -7.47 -11.19 -15.64
N GLY D 1 -25.21 -19.81 -17.08
CA GLY D 1 -25.48 -21.21 -16.65
C GLY D 1 -25.24 -22.24 -17.73
N CYS D 2 -25.39 -21.83 -18.99
CA CYS D 2 -25.26 -22.75 -20.11
C CYS D 2 -23.77 -23.14 -20.33
N GLY D 3 -22.88 -22.50 -19.58
CA GLY D 3 -21.48 -22.81 -19.67
C GLY D 3 -21.02 -23.93 -18.74
N CYS D 4 -21.97 -24.54 -18.02
CA CYS D 4 -21.62 -25.61 -17.07
C CYS D 4 -21.28 -26.91 -17.78
N PRO E 1 25.24 35.80 29.20
CA PRO E 1 24.12 35.01 28.70
C PRO E 1 24.53 33.58 28.35
N ILE E 2 24.17 32.62 29.20
CA ILE E 2 24.41 31.19 28.92
C ILE E 2 23.45 30.68 27.86
N GLY E 3 24.01 30.10 26.79
CA GLY E 3 23.20 29.54 25.72
C GLY E 3 23.38 28.03 25.58
N PRO E 4 22.55 27.40 24.74
CA PRO E 4 22.54 25.95 24.61
C PRO E 4 23.90 25.36 24.31
N GLU E 5 24.69 26.05 23.49
CA GLU E 5 25.99 25.54 23.09
C GLU E 5 26.95 25.49 24.28
N ASP E 6 26.63 26.24 25.33
CA ASP E 6 27.44 26.22 26.57
C ASP E 6 27.20 24.96 27.43
N VAL E 7 26.10 24.26 27.20
CA VAL E 7 25.80 23.07 28.00
C VAL E 7 25.83 21.77 27.20
N LEU E 8 25.75 21.88 25.86
CA LEU E 8 25.55 20.68 25.00
C LEU E 8 26.82 19.82 24.92
N GLY E 9 27.93 20.35 25.41
CA GLY E 9 29.19 19.61 25.41
C GLY E 9 29.71 19.22 26.80
N LEU E 10 28.92 19.51 27.85
CA LEU E 10 29.39 19.28 29.22
C LEU E 10 29.58 17.79 29.48
N GLN E 11 30.69 17.44 30.14
CA GLN E 11 31.00 16.06 30.37
C GLN E 11 30.96 15.72 31.87
N ARG E 12 30.58 16.70 32.68
CA ARG E 12 30.38 16.50 34.12
C ARG E 12 29.14 17.24 34.55
N ILE E 13 28.52 16.77 35.64
CA ILE E 13 27.53 17.56 36.38
C ILE E 13 28.14 18.87 36.85
N THR E 14 27.35 19.96 36.82
CA THR E 14 27.84 21.23 37.32
C THR E 14 27.91 21.18 38.84
N GLY E 15 28.88 21.86 39.41
CA GLY E 15 29.03 21.91 40.87
C GLY E 15 28.03 22.85 41.51
N ASP E 16 27.46 23.75 40.71
CA ASP E 16 26.56 24.76 41.22
C ASP E 16 25.53 25.13 40.15
N TYR E 17 24.49 25.84 40.56
CA TYR E 17 23.49 26.33 39.62
C TYR E 17 24.08 27.40 38.74
N LEU E 18 23.62 27.45 37.48
CA LEU E 18 24.20 28.36 36.50
C LEU E 18 23.38 29.63 36.34
N CYS E 19 22.25 29.68 37.04
CA CYS E 19 21.46 30.90 37.12
C CYS E 19 20.75 30.98 38.45
N SER E 20 20.27 32.16 38.80
CA SER E 20 19.48 32.35 39.99
C SER E 20 18.00 32.14 39.69
N PRO E 21 17.20 31.91 40.72
CA PRO E 21 15.74 31.84 40.56
C PRO E 21 15.15 33.09 39.88
N GLU E 22 15.79 34.24 40.09
CA GLU E 22 15.25 35.50 39.64
C GLU E 22 15.34 35.65 38.13
N GLU E 23 16.10 34.78 37.49
CA GLU E 23 16.27 34.84 36.05
C GLU E 23 15.11 34.16 35.31
N ASN E 24 14.24 33.51 36.08
CA ASN E 24 12.98 33.03 35.57
C ASN E 24 11.94 34.18 35.38
N ILE E 25 12.23 35.07 34.46
CA ILE E 25 11.42 36.29 34.30
C ILE E 25 10.08 35.99 33.63
N TYR E 26 9.95 34.80 33.08
CA TYR E 26 8.71 34.37 32.44
C TYR E 26 7.79 33.72 33.43
N LYS E 27 8.29 33.53 34.64
CA LYS E 27 7.49 33.01 35.73
C LYS E 27 6.95 31.65 35.40
N ILE E 28 7.82 30.80 34.85
CA ILE E 28 7.45 29.44 34.56
C ILE E 28 7.46 28.60 35.83
N ASP E 29 6.38 27.88 36.06
CA ASP E 29 6.17 27.17 37.30
C ASP E 29 5.64 25.79 37.02
N PHE E 30 6.40 24.77 37.37
CA PHE E 30 5.95 23.38 37.19
C PHE E 30 4.98 23.01 38.30
N VAL E 31 3.75 22.64 37.93
CA VAL E 31 2.70 22.39 38.92
C VAL E 31 2.26 20.93 38.93
N ARG E 32 2.71 20.16 37.96
CA ARG E 32 2.48 18.74 37.95
C ARG E 32 3.53 18.03 37.14
N PHE E 33 3.94 16.85 37.60
CA PHE E 33 4.91 16.05 36.87
C PHE E 33 4.66 14.58 37.10
N LYS E 34 4.70 13.81 36.02
CA LYS E 34 4.43 12.40 36.07
C LYS E 34 5.39 11.66 35.11
N ILE E 35 5.92 10.54 35.55
CA ILE E 35 6.75 9.67 34.70
C ILE E 35 6.10 8.34 34.58
N ARG E 36 5.97 7.84 33.36
CA ARG E 36 5.43 6.51 33.16
C ARG E 36 6.23 5.67 32.20
N ASP E 37 6.17 4.38 32.41
CA ASP E 37 6.77 3.41 31.54
C ASP E 37 5.92 3.24 30.27
N MET E 38 6.51 3.51 29.10
CA MET E 38 5.75 3.53 27.85
C MET E 38 5.35 2.15 27.39
N ASP E 39 5.97 1.13 27.97
CA ASP E 39 5.71 -0.25 27.56
C ASP E 39 4.71 -0.97 28.50
N SER E 40 4.35 -0.34 29.61
CA SER E 40 3.45 -0.97 30.58
C SER E 40 2.34 -0.02 31.03
N GLY E 41 2.57 1.28 30.86
CA GLY E 41 1.65 2.30 31.35
C GLY E 41 1.88 2.65 32.80
N THR E 42 2.70 1.86 33.49
CA THR E 42 2.91 2.04 34.93
C THR E 42 3.41 3.43 35.24
N VAL E 43 2.80 4.07 36.23
CA VAL E 43 3.28 5.35 36.71
C VAL E 43 4.40 5.16 37.73
N LEU E 44 5.58 5.69 37.40
CA LEU E 44 6.78 5.46 38.19
C LEU E 44 6.99 6.57 39.22
N PHE E 45 6.39 7.72 38.96
CA PHE E 45 6.52 8.87 39.84
C PHE E 45 5.47 9.88 39.47
N GLU E 46 4.86 10.51 40.49
CA GLU E 46 3.96 11.61 40.24
C GLU E 46 3.95 12.58 41.40
N ILE E 47 4.00 13.86 41.08
CA ILE E 47 3.82 14.89 42.06
C ILE E 47 2.88 15.98 41.53
N LYS E 48 2.13 16.59 42.44
CA LYS E 48 1.14 17.59 42.08
C LYS E 48 1.30 18.83 42.97
N LYS E 49 1.31 20.00 42.34
CA LYS E 49 1.21 21.27 43.07
C LYS E 49 2.56 21.85 43.39
N ASN E 66 18.67 27.13 44.53
CA ASN E 66 18.73 26.15 45.61
C ASN E 66 17.32 25.70 46.06
N ALA E 67 16.39 26.66 46.12
CA ALA E 67 15.11 26.48 46.82
C ALA E 67 14.31 25.24 46.30
N GLY E 68 13.39 25.49 45.36
CA GLY E 68 12.65 24.41 44.69
C GLY E 68 13.35 23.93 43.42
N ARG E 69 14.63 23.61 43.55
CA ARG E 69 15.51 23.42 42.38
C ARG E 69 16.24 22.08 42.45
N PHE E 70 15.83 21.25 43.42
CA PHE E 70 16.44 19.94 43.56
C PHE E 70 15.40 18.89 43.88
N VAL E 71 15.49 17.75 43.21
CA VAL E 71 14.63 16.61 43.52
C VAL E 71 15.42 15.32 43.57
N ARG E 72 15.09 14.48 44.54
CA ARG E 72 15.76 13.23 44.73
C ARG E 72 14.80 12.12 44.43
N TYR E 73 15.18 11.23 43.52
CA TYR E 73 14.27 10.17 43.06
C TYR E 73 14.68 8.85 43.68
N GLN E 74 13.69 8.12 44.17
CA GLN E 74 13.88 6.77 44.69
C GLN E 74 13.21 5.79 43.78
N PHE E 75 13.98 5.17 42.90
CA PHE E 75 13.43 4.20 41.98
C PHE E 75 13.86 2.80 42.35
N THR E 76 13.35 1.82 41.61
N THR E 76 13.33 1.81 41.65
CA THR E 76 13.67 0.44 41.80
CA THR E 76 13.69 0.43 41.88
C THR E 76 14.73 0.03 40.79
C THR E 76 14.62 -0.05 40.78
N PRO E 77 15.38 -1.12 41.03
CA PRO E 77 16.34 -1.66 40.07
C PRO E 77 15.73 -1.97 38.69
N ALA E 78 14.44 -2.33 38.67
CA ALA E 78 13.75 -2.61 37.40
C ALA E 78 13.71 -1.37 36.49
N PHE E 79 13.77 -0.20 37.10
CA PHE E 79 13.78 1.06 36.35
C PHE E 79 14.88 1.06 35.28
N LEU E 80 16.03 0.50 35.63
CA LEU E 80 17.20 0.59 34.78
C LEU E 80 17.09 -0.33 33.57
N ARG E 81 16.08 -1.18 33.56
CA ARG E 81 15.87 -2.09 32.46
C ARG E 81 14.77 -1.65 31.53
N LEU E 82 14.25 -0.45 31.78
CA LEU E 82 13.22 0.13 30.90
C LEU E 82 13.80 0.58 29.56
N ARG E 83 12.94 0.65 28.56
CA ARG E 83 13.33 1.07 27.21
C ARG E 83 13.01 2.55 27.00
N GLN E 84 11.85 2.97 27.47
CA GLN E 84 11.34 4.28 27.15
C GLN E 84 10.38 4.74 28.23
N VAL E 85 10.59 5.95 28.74
CA VAL E 85 9.63 6.55 29.66
C VAL E 85 9.08 7.83 29.09
N GLY E 86 7.81 8.08 29.37
CA GLY E 86 7.17 9.33 29.02
C GLY E 86 6.98 10.19 30.25
N ALA E 87 7.44 11.42 30.17
CA ALA E 87 7.31 12.37 31.27
C ALA E 87 6.34 13.47 30.89
N THR E 88 5.32 13.68 31.72
CA THR E 88 4.32 14.71 31.45
C THR E 88 4.45 15.81 32.48
N VAL E 89 4.62 17.03 32.00
CA VAL E 89 4.73 18.17 32.89
C VAL E 89 3.65 19.19 32.59
N GLU E 90 3.03 19.71 33.62
CA GLU E 90 2.16 20.85 33.49
C GLU E 90 2.79 22.02 34.14
N PHE E 91 2.71 23.16 33.49
CA PHE E 91 3.33 24.34 34.00
C PHE E 91 2.51 25.57 33.65
N THR E 92 2.54 26.55 34.53
CA THR E 92 1.96 27.83 34.25
C THR E 92 3.03 28.75 33.77
N VAL E 93 2.64 29.78 33.03
CA VAL E 93 3.55 30.85 32.69
C VAL E 93 2.90 32.20 32.94
N GLY E 94 3.74 33.22 33.16
CA GLY E 94 3.25 34.56 33.39
C GLY E 94 2.79 35.24 32.10
N ASP E 95 2.68 36.56 32.13
N ASP E 95 2.69 36.55 32.14
CA ASP E 95 1.94 37.28 31.12
CA ASP E 95 1.96 37.30 31.12
C ASP E 95 2.82 37.63 29.91
C ASP E 95 2.83 37.59 29.90
N LYS E 96 4.14 37.48 30.06
CA LYS E 96 5.06 37.69 28.94
C LYS E 96 5.02 36.49 28.01
N PRO E 97 5.01 36.73 26.68
CA PRO E 97 5.11 35.64 25.73
C PRO E 97 6.40 34.83 25.92
N VAL E 98 6.30 33.52 25.74
CA VAL E 98 7.45 32.64 25.83
C VAL E 98 7.65 31.97 24.50
N ASN E 99 8.77 32.25 23.87
CA ASN E 99 9.07 31.67 22.58
C ASN E 99 10.27 30.75 22.63
N ASN E 100 10.15 29.58 22.00
CA ASN E 100 11.26 28.63 21.90
C ASN E 100 11.73 28.18 23.29
N PHE E 101 10.80 27.66 24.06
CA PHE E 101 11.07 27.08 25.35
C PHE E 101 11.64 25.67 25.17
N ARG E 102 12.79 25.43 25.77
CA ARG E 102 13.63 24.28 25.42
C ARG E 102 14.37 23.81 26.67
N MET E 103 14.37 22.50 26.90
CA MET E 103 15.13 21.93 28.01
C MET E 103 16.21 20.99 27.49
N ILE E 104 17.43 21.20 27.95
CA ILE E 104 18.48 20.24 27.74
C ILE E 104 18.84 19.58 29.06
N GLU E 105 18.69 18.28 29.11
CA GLU E 105 18.82 17.57 30.35
C GLU E 105 19.84 16.49 30.23
N ARG E 106 20.86 16.56 31.08
CA ARG E 106 22.03 15.72 30.96
C ARG E 106 22.18 14.83 32.21
N HIS E 107 22.28 13.53 31.98
CA HIS E 107 22.33 12.53 33.07
C HIS E 107 23.70 11.92 33.10
N TYR E 108 24.30 11.87 34.30
CA TYR E 108 25.64 11.29 34.49
C TYR E 108 25.63 10.26 35.59
N PHE E 109 26.48 9.24 35.47
CA PHE E 109 26.83 8.40 36.60
C PHE E 109 28.30 8.60 36.93
N ARG E 110 28.57 9.00 38.17
CA ARG E 110 29.90 9.39 38.58
C ARG E 110 30.58 10.25 37.54
N ASN E 111 29.88 11.25 37.04
CA ASN E 111 30.45 12.13 36.01
C ASN E 111 31.00 11.40 34.79
N GLN E 112 30.40 10.28 34.44
CA GLN E 112 30.37 9.88 33.05
C GLN E 112 28.98 10.10 32.48
N LEU E 113 28.94 10.81 31.35
CA LEU E 113 27.67 11.10 30.68
C LEU E 113 26.99 9.82 30.30
N LEU E 114 25.74 9.66 30.73
CA LEU E 114 24.90 8.56 30.26
C LEU E 114 24.13 8.95 29.00
N LYS E 115 23.40 10.04 29.09
CA LYS E 115 22.69 10.54 27.93
C LYS E 115 22.26 11.97 28.17
N SER E 116 22.20 12.74 27.09
CA SER E 116 21.64 14.07 27.10
C SER E 116 20.40 14.07 26.25
N PHE E 117 19.36 14.73 26.73
CA PHE E 117 18.09 14.81 26.04
C PHE E 117 17.76 16.28 25.76
N ASP E 118 17.29 16.55 24.56
CA ASP E 118 17.06 17.91 24.10
C ASP E 118 15.61 18.02 23.68
N PHE E 119 14.78 18.66 24.52
CA PHE E 119 13.32 18.71 24.30
C PHE E 119 12.89 20.12 24.01
N HIS E 120 12.10 20.29 22.95
CA HIS E 120 11.46 21.58 22.69
C HIS E 120 10.01 21.53 23.09
N PHE E 121 9.61 22.41 23.99
CA PHE E 121 8.21 22.50 24.37
C PHE E 121 7.37 22.98 23.17
N GLY E 122 6.09 22.64 23.16
CA GLY E 122 5.16 23.18 22.18
C GLY E 122 4.86 24.64 22.47
N PHE E 123 3.92 25.23 21.74
CA PHE E 123 3.63 26.62 21.92
C PHE E 123 3.17 26.86 23.34
N CYS E 124 3.76 27.87 23.99
CA CYS E 124 3.41 28.20 25.38
C CYS E 124 2.44 29.36 25.45
N ILE E 125 1.28 29.12 26.02
CA ILE E 125 0.25 30.12 26.13
C ILE E 125 0.48 30.94 27.39
N PRO E 126 0.68 32.25 27.23
CA PRO E 126 0.91 33.12 28.41
C PRO E 126 -0.28 33.12 29.38
N SER E 127 0.01 33.38 30.66
CA SER E 127 -1.01 33.51 31.67
C SER E 127 -1.96 32.32 31.70
N SER E 128 -1.42 31.12 31.55
CA SER E 128 -2.25 29.92 31.56
C SER E 128 -1.46 28.65 31.86
N LYS E 129 -2.18 27.58 32.13
CA LYS E 129 -1.59 26.26 32.27
C LYS E 129 -1.20 25.71 30.91
N ASN E 130 -0.04 25.08 30.87
CA ASN E 130 0.44 24.42 29.67
C ASN E 130 0.85 23.01 30.02
N THR E 131 0.83 22.13 29.03
CA THR E 131 1.21 20.73 29.24
C THR E 131 2.16 20.28 28.13
N CYS E 132 3.12 19.43 28.49
CA CYS E 132 4.06 18.88 27.51
C CYS E 132 4.45 17.49 27.94
N GLU E 133 4.63 16.60 26.96
CA GLU E 133 5.18 15.31 27.24
C GLU E 133 6.58 15.14 26.63
N HIS E 134 7.52 14.69 27.46
CA HIS E 134 8.88 14.36 27.01
C HIS E 134 9.05 12.85 26.92
N ILE E 135 9.51 12.35 25.79
CA ILE E 135 9.83 10.93 25.66
C ILE E 135 11.34 10.67 25.80
N TYR E 136 11.71 9.86 26.79
CA TYR E 136 13.11 9.48 27.04
C TYR E 136 13.39 8.07 26.53
N ASP E 137 14.22 7.95 25.50
CA ASP E 137 14.77 6.65 25.12
C ASP E 137 16.05 6.37 25.88
N PHE E 138 16.06 5.26 26.63
CA PHE E 138 17.20 4.94 27.49
C PHE E 138 18.40 4.62 26.62
N PRO E 139 19.60 5.07 27.06
CA PRO E 139 20.83 4.60 26.47
C PRO E 139 21.06 3.15 26.80
N PRO E 140 21.89 2.48 26.03
CA PRO E 140 22.39 1.13 26.40
C PRO E 140 23.09 1.16 27.73
N LEU E 141 22.71 0.27 28.63
CA LEU E 141 23.44 0.08 29.87
C LEU E 141 23.92 -1.37 30.00
N SER E 142 25.22 -1.54 30.22
CA SER E 142 25.77 -2.87 30.47
C SER E 142 25.32 -3.42 31.82
N GLU E 143 25.43 -4.73 31.97
CA GLU E 143 25.15 -5.36 33.23
C GLU E 143 26.02 -4.80 34.36
N GLU E 144 27.29 -4.57 34.06
CA GLU E 144 28.24 -4.02 35.06
C GLU E 144 27.83 -2.61 35.49
N LEU E 145 27.47 -1.78 34.53
CA LEU E 145 27.00 -0.42 34.84
C LEU E 145 25.70 -0.45 35.67
N ILE E 146 24.76 -1.30 35.26
CA ILE E 146 23.50 -1.42 35.98
C ILE E 146 23.75 -1.83 37.44
N SER E 147 24.62 -2.80 37.64
CA SER E 147 24.99 -3.23 38.98
C SER E 147 25.60 -2.07 39.80
N GLU E 148 26.51 -1.32 39.18
CA GLU E 148 27.15 -0.20 39.87
C GLU E 148 26.12 0.86 40.24
N MET E 149 25.18 1.14 39.34
CA MET E 149 24.21 2.20 39.58
C MET E 149 23.28 1.84 40.73
N ILE E 150 22.92 0.57 40.82
CA ILE E 150 22.10 0.09 41.91
C ILE E 150 22.85 0.23 43.24
N ARG E 151 24.13 -0.11 43.21
CA ARG E 151 24.93 -0.18 44.44
C ARG E 151 25.48 1.18 44.87
N HIS E 152 25.37 2.18 43.99
CA HIS E 152 25.88 3.55 44.31
C HIS E 152 24.75 4.61 44.19
N PRO E 153 23.81 4.58 45.11
CA PRO E 153 22.72 5.55 45.10
C PRO E 153 23.23 6.99 45.11
N TYR E 154 22.57 7.83 44.32
CA TYR E 154 22.77 9.29 44.36
C TYR E 154 24.04 9.73 43.69
N GLU E 155 24.79 8.78 43.15
CA GLU E 155 25.92 9.11 42.30
C GLU E 155 25.48 9.16 40.81
N THR E 156 24.23 8.80 40.55
CA THR E 156 23.57 9.21 39.30
C THR E 156 22.84 10.52 39.52
N GLN E 157 23.17 11.50 38.66
CA GLN E 157 22.68 12.88 38.82
C GLN E 157 22.38 13.47 37.46
N SER E 158 21.47 14.44 37.43
CA SER E 158 21.14 15.12 36.18
C SER E 158 21.06 16.63 36.38
N ASP E 159 21.43 17.35 35.32
CA ASP E 159 21.18 18.79 35.21
C ASP E 159 20.11 19.03 34.17
N SER E 160 19.11 19.82 34.53
CA SER E 160 18.09 20.26 33.59
C SER E 160 18.25 21.74 33.31
N PHE E 161 18.66 22.05 32.08
CA PHE E 161 18.90 23.45 31.66
C PHE E 161 17.74 23.93 30.79
N TYR E 162 17.07 25.01 31.22
CA TYR E 162 15.92 25.51 30.53
C TYR E 162 16.24 26.83 29.84
N PHE E 163 15.91 26.91 28.55
CA PHE E 163 16.16 28.09 27.75
C PHE E 163 14.86 28.65 27.19
N VAL E 164 14.78 29.97 27.15
CA VAL E 164 13.80 30.66 26.35
C VAL E 164 14.52 31.59 25.40
N ASP E 165 14.19 31.48 24.11
CA ASP E 165 14.92 32.22 23.06
C ASP E 165 16.43 32.13 23.29
N ASP E 166 16.90 30.92 23.57
CA ASP E 166 18.35 30.63 23.58
C ASP E 166 19.08 31.22 24.78
N ARG E 167 18.32 31.67 25.76
CA ARG E 167 18.89 32.17 26.98
C ARG E 167 18.47 31.32 28.18
N LEU E 168 19.43 30.95 29.01
CA LEU E 168 19.15 30.14 30.19
C LEU E 168 18.31 30.94 31.18
N VAL E 169 17.15 30.39 31.56
CA VAL E 169 16.28 31.05 32.51
C VAL E 169 15.99 30.20 33.75
N MET E 170 16.18 28.89 33.64
CA MET E 170 16.08 28.01 34.82
C MET E 170 17.12 26.88 34.76
N HIS E 171 17.50 26.39 35.93
CA HIS E 171 18.40 25.26 36.05
C HIS E 171 18.00 24.45 37.28
N ASN E 172 17.54 23.23 37.05
CA ASN E 172 17.16 22.32 38.13
C ASN E 172 18.10 21.11 38.16
N LYS E 173 18.25 20.53 39.34
CA LYS E 173 19.13 19.38 39.53
C LYS E 173 18.35 18.22 40.12
N ALA E 174 18.80 17.00 39.84
CA ALA E 174 18.21 15.82 40.45
C ALA E 174 19.30 14.83 40.76
N ASP E 175 19.04 13.93 41.71
CA ASP E 175 19.79 12.68 41.77
C ASP E 175 18.91 11.51 42.05
N TYR E 176 19.46 10.32 41.90
CA TYR E 176 18.68 9.11 41.67
C TYR E 176 19.23 7.98 42.51
N SER E 177 18.35 7.28 43.19
CA SER E 177 18.66 5.95 43.73
C SER E 177 17.86 4.88 42.99
N TYR E 178 18.47 3.72 42.76
CA TYR E 178 17.77 2.60 42.14
C TYR E 178 17.77 1.39 43.03
N SER E 179 17.88 1.63 44.32
CA SER E 179 18.16 0.56 45.26
C SER E 179 16.85 -0.01 45.83
N GLY E 180 15.71 0.53 45.38
CA GLY E 180 14.41 -0.11 45.62
C GLY E 180 14.15 -0.40 47.09
N GLY F 1 14.37 17.08 36.26
CA GLY F 1 14.32 18.51 36.66
C GLY F 1 12.90 19.04 36.84
N CYS F 2 11.99 18.63 35.97
CA CYS F 2 10.61 19.14 35.99
C CYS F 2 9.82 18.56 37.19
N GLY F 3 10.48 17.70 37.96
CA GLY F 3 9.91 17.14 39.17
C GLY F 3 10.16 17.99 40.41
N CYS F 4 10.91 19.09 40.25
N CYS F 4 10.91 19.08 40.25
CA CYS F 4 11.14 20.02 41.35
CA CYS F 4 11.17 20.01 41.37
C CYS F 4 9.83 20.73 41.75
C CYS F 4 9.95 20.90 41.62
C1 GOL G . 19.90 1.06 -22.33
O1 GOL G . 18.81 1.92 -22.67
C2 GOL G . 19.51 -0.01 -21.29
O2 GOL G . 18.31 -0.70 -21.68
C3 GOL G . 20.69 -0.99 -21.12
O3 GOL G . 20.27 -2.32 -20.74
C1 GOL H . 11.69 9.91 -4.70
O1 GOL H . 10.51 10.70 -4.91
C2 GOL H . 11.37 8.64 -3.89
O2 GOL H . 9.96 8.31 -3.99
C3 GOL H . 12.22 7.48 -4.41
O3 GOL H . 12.36 6.45 -3.41
O14 15P I . 0.57 11.69 -7.10
C29 15P I . -0.78 11.24 -6.92
C30 15P I . -1.58 11.40 -8.21
O15 15P I . -2.89 11.92 -7.93
C31 15P I . -3.92 11.06 -8.42
C32 15P I . -5.14 11.13 -7.52
O16 15P I . -4.92 10.39 -6.33
C33 15P I . -4.67 11.24 -5.19
C34 15P I . -5.98 11.42 -4.40
O17 15P I . -6.21 10.27 -3.60
C35 15P I . -6.72 10.61 -2.30
C36 15P I . -7.68 9.53 -1.85
O18 15P I . -7.23 8.27 -2.35
C1 MYR J . 10.93 0.05 -16.25
O1 MYR J . 10.80 -1.04 -16.85
C2 MYR J . 9.90 0.47 -15.21
C3 MYR J . 9.67 -0.67 -14.22
C4 MYR J . 8.28 -0.55 -13.59
C5 MYR J . 8.25 -1.15 -12.21
C6 MYR J . 6.87 -0.97 -11.55
C7 MYR J . 6.77 0.35 -10.81
C8 MYR J . 5.37 0.60 -10.25
C9 MYR J . 5.29 1.97 -9.58
C10 MYR J . 3.87 2.51 -9.57
C11 MYR J . 3.81 3.86 -10.28
C12 MYR J . 2.68 4.71 -9.74
C13 MYR J . 1.38 4.39 -10.45
C14 MYR J . 0.94 2.99 -10.14
C1 GOL K . -33.88 -11.34 -22.99
O1 GOL K . -34.80 -11.93 -23.90
C2 GOL K . -34.60 -10.30 -22.16
O2 GOL K . -35.15 -10.91 -21.01
C3 GOL K . -33.64 -9.20 -21.77
O3 GOL K . -34.39 -8.06 -21.30
C1 GOL L . -27.24 -29.93 -18.14
O1 GOL L . -26.12 -29.68 -19.00
C2 GOL L . -27.25 -28.97 -16.94
O2 GOL L . -25.92 -28.44 -16.75
C3 GOL L . -27.73 -29.70 -15.67
O3 GOL L . -27.78 -28.81 -14.53
P PO4 M . -13.77 -10.58 -2.81
O1 PO4 M . -14.26 -11.66 -1.87
O2 PO4 M . -13.77 -9.25 -2.08
O3 PO4 M . -14.69 -10.50 -4.01
O4 PO4 M . -12.37 -10.91 -3.28
C1 MYR N . -24.09 -19.45 -17.59
O1 MYR N . -23.06 -20.15 -17.67
C2 MYR N . -23.96 -17.95 -17.55
C3 MYR N . -23.47 -17.40 -18.89
C4 MYR N . -23.24 -15.88 -18.77
C5 MYR N . -23.07 -15.22 -20.12
C6 MYR N . -22.55 -13.79 -19.95
C7 MYR N . -23.72 -12.80 -19.98
C8 MYR N . -23.42 -11.54 -19.18
C9 MYR N . -24.66 -10.67 -19.05
C10 MYR N . -24.31 -9.26 -18.59
C11 MYR N . -24.76 -9.02 -17.15
C12 MYR N . -24.61 -7.56 -16.78
C13 MYR N . -23.55 -7.37 -15.71
C14 MYR N . -22.16 -7.48 -16.29
C1 GOL O . 10.16 26.10 38.28
O1 GOL O . 9.00 25.59 38.97
C2 GOL O . 11.46 25.83 39.07
O2 GOL O . 11.52 24.45 39.49
C3 GOL O . 12.65 26.17 38.19
O3 GOL O . 13.85 26.35 38.95
C1 GOL P . 26.75 5.84 27.85
O1 GOL P . 26.15 6.79 26.93
C2 GOL P . 25.74 4.77 28.18
O2 GOL P . 25.48 3.97 27.02
C3 GOL P . 26.24 3.89 29.31
O3 GOL P . 27.43 3.21 28.90
C1 GOL Q . 9.09 -3.62 44.02
O1 GOL Q . 9.62 -4.56 43.08
C2 GOL Q . 10.06 -3.48 45.18
O2 GOL Q . 11.41 -3.52 44.68
C3 GOL Q . 9.82 -2.17 45.93
O3 GOL Q . 10.99 -1.83 46.68
P PO4 R . 16.96 25.48 18.31
O1 PO4 R . 16.15 26.02 19.50
O2 PO4 R . 16.14 25.56 17.04
O3 PO4 R . 17.32 24.03 18.55
O4 PO4 R . 18.21 26.29 18.16
C1 MYR S . 13.66 16.08 36.62
O1 MYR S . 13.02 15.91 37.68
C2 MYR S . 14.27 14.89 35.96
C3 MYR S . 13.21 13.96 35.42
C4 MYR S . 13.82 12.60 35.09
C5 MYR S . 12.87 11.74 34.28
C6 MYR S . 13.43 10.33 34.11
C7 MYR S . 14.31 10.28 32.87
C8 MYR S . 15.06 8.96 32.77
C9 MYR S . 15.93 8.96 31.51
C10 MYR S . 17.04 7.93 31.58
C11 MYR S . 18.32 8.54 32.12
C12 MYR S . 19.53 7.72 31.69
C13 MYR S . 19.35 6.23 32.02
C14 MYR S . 19.51 5.98 33.50
#